data_6D4G
#
_entry.id   6D4G
#
_cell.length_a   43.690
_cell.length_b   69.270
_cell.length_c   154.060
_cell.angle_alpha   90.000
_cell.angle_beta   90.000
_cell.angle_gamma   90.000
#
_symmetry.space_group_name_H-M   'P 21 21 21'
#
loop_
_entity.id
_entity.type
_entity.pdbx_description
1 polymer 'Rho GTPase-activating protein 35'
2 non-polymer "GUANOSINE-5'-TRIPHOSPHATE"
3 non-polymer 'MAGNESIUM ION'
4 water water
#
_entity_poly.entity_id   1
_entity_poly.type   'polypeptide(L)'
_entity_poly.pdbx_seq_one_letter_code
;GPLGSMMMARKQDVRIPTYNISVVGLSGTEKEKGQCGIGKSCLCNRFVRPSADEFHLDHTSVLSTSDFGGRVVNNDHFLY
WGEVSRSLEDCVECKMHIVEQTEFIDDQTFQPHRSTALQPYIKRAAATKLASAEKLMYFCTDQLGLEQDFEQKQMPDGKL
LVDGFLLGIDVSRGMNRNFDDQLKFVSNLYNQLAKTKKPIVIVLTKCDEGVERYIRDAHTFALSKKNLQVVETSARSNVN
VDLAFSTLVQLIDKSRGKTKIIPYFEALKQQ
;
_entity_poly.pdbx_strand_id   A,B
#
# COMPACT_ATOMS: atom_id res chain seq x y z
N TYR A 19 7.85 -25.25 2.84
CA TYR A 19 6.76 -24.58 2.11
C TYR A 19 6.32 -23.32 2.84
N ASN A 20 6.57 -22.17 2.24
CA ASN A 20 6.12 -20.89 2.77
C ASN A 20 4.82 -20.47 2.10
N ILE A 21 3.76 -20.38 2.91
CA ILE A 21 2.41 -20.16 2.41
C ILE A 21 1.92 -18.82 2.94
N SER A 22 1.44 -17.98 2.05
CA SER A 22 0.92 -16.66 2.41
C SER A 22 -0.58 -16.67 2.22
N VAL A 23 -1.32 -16.34 3.26
CA VAL A 23 -2.77 -16.29 3.20
C VAL A 23 -3.17 -14.83 3.04
N VAL A 24 -3.90 -14.54 1.97
CA VAL A 24 -4.20 -13.17 1.56
C VAL A 24 -5.70 -13.10 1.25
N GLY A 25 -6.20 -11.88 1.20
CA GLY A 25 -7.61 -11.65 0.94
C GLY A 25 -7.95 -10.21 1.22
N LEU A 26 -9.22 -9.88 0.97
CA LEU A 26 -9.71 -8.54 1.27
C LEU A 26 -9.32 -8.10 2.67
N SER A 27 -8.70 -6.92 2.75
CA SER A 27 -8.28 -6.35 4.01
C SER A 27 -8.32 -4.84 3.90
N GLY A 28 -8.40 -4.17 5.04
CA GLY A 28 -8.31 -2.73 5.06
C GLY A 28 -8.91 -2.08 6.28
N THR A 29 -9.59 -0.96 6.05
CA THR A 29 -10.36 -0.25 7.06
C THR A 29 -11.66 -0.99 7.31
N GLU A 30 -12.22 -0.78 8.52
CA GLU A 30 -13.55 -1.29 8.82
C GLU A 30 -14.53 -1.05 7.67
N LYS A 31 -14.54 0.17 7.13
CA LYS A 31 -15.45 0.50 6.04
C LYS A 31 -15.19 -0.37 4.81
N GLU A 32 -13.92 -0.53 4.43
CA GLU A 32 -13.58 -1.42 3.32
C GLU A 32 -13.88 -2.89 3.59
N LYS A 33 -13.94 -3.32 4.85
CA LYS A 33 -14.34 -4.69 5.18
C LYS A 33 -15.79 -4.81 5.63
N GLY A 34 -16.58 -3.74 5.53
CA GLY A 34 -17.93 -3.76 6.04
C GLY A 34 -18.05 -4.19 7.49
N GLN A 35 -17.04 -3.86 8.29
CA GLN A 35 -16.91 -4.30 9.68
C GLN A 35 -16.94 -5.82 9.86
N CYS A 36 -16.43 -6.57 8.88
CA CYS A 36 -16.44 -8.04 8.99
C CYS A 36 -15.34 -8.59 8.09
N GLY A 37 -14.22 -9.00 8.67
CA GLY A 37 -13.15 -9.56 7.86
C GLY A 37 -13.58 -10.86 7.21
N ILE A 38 -12.78 -11.27 6.21
CA ILE A 38 -13.18 -12.40 5.38
C ILE A 38 -12.81 -13.78 5.91
N GLY A 39 -12.07 -13.87 7.01
CA GLY A 39 -11.80 -15.17 7.63
C GLY A 39 -10.36 -15.66 7.58
N LYS A 40 -9.42 -14.83 7.16
CA LYS A 40 -8.01 -15.25 7.06
C LYS A 40 -7.50 -15.78 8.40
N SER A 41 -7.66 -14.98 9.46
CA SER A 41 -7.11 -15.33 10.76
C SER A 41 -7.67 -16.64 11.29
N CYS A 42 -9.00 -16.82 11.24
CA CYS A 42 -9.55 -18.08 11.75
C CYS A 42 -9.12 -19.28 10.93
N LEU A 43 -8.92 -19.10 9.61
CA LEU A 43 -8.44 -20.21 8.79
C LEU A 43 -7.02 -20.60 9.21
N CYS A 44 -6.15 -19.60 9.34
CA CYS A 44 -4.78 -19.87 9.76
C CYS A 44 -4.76 -20.52 11.14
N ASN A 45 -5.53 -19.96 12.08
CA ASN A 45 -5.58 -20.48 13.44
C ASN A 45 -6.00 -21.93 13.45
N ARG A 46 -7.04 -22.27 12.68
CA ARG A 46 -7.52 -23.65 12.67
C ARG A 46 -6.53 -24.59 11.98
N PHE A 47 -5.84 -24.13 10.94
CA PHE A 47 -4.82 -24.98 10.35
C PHE A 47 -3.64 -25.22 11.30
N VAL A 48 -3.15 -24.16 11.93
CA VAL A 48 -1.94 -24.28 12.75
C VAL A 48 -2.24 -24.93 14.09
N ARG A 49 -3.37 -24.58 14.71
CA ARG A 49 -3.69 -25.04 16.06
C ARG A 49 -5.18 -25.39 16.12
N PRO A 50 -5.55 -26.57 15.59
CA PRO A 50 -6.97 -26.89 15.41
C PRO A 50 -7.69 -27.29 16.69
N SER A 51 -6.98 -27.49 17.79
CA SER A 51 -7.62 -27.84 19.04
C SER A 51 -8.50 -26.71 19.53
N ALA A 52 -9.67 -27.07 20.07
CA ALA A 52 -10.62 -26.08 20.60
C ALA A 52 -9.93 -25.10 21.54
N ASP A 53 -8.97 -25.58 22.34
CA ASP A 53 -8.27 -24.71 23.28
C ASP A 53 -7.40 -23.70 22.57
N GLU A 54 -6.99 -23.97 21.33
CA GLU A 54 -6.08 -23.09 20.63
C GLU A 54 -6.74 -22.40 19.46
N PHE A 55 -8.01 -22.72 19.16
CA PHE A 55 -8.71 -22.05 18.08
C PHE A 55 -9.49 -20.89 18.67
N HIS A 56 -9.27 -19.70 18.14
CA HIS A 56 -9.99 -18.50 18.55
C HIS A 56 -10.78 -17.95 17.37
N LEU A 57 -12.04 -17.58 17.63
CA LEU A 57 -12.89 -17.03 16.58
C LEU A 57 -12.67 -15.54 16.38
N ASP A 58 -12.07 -14.86 17.36
CA ASP A 58 -11.99 -13.41 17.38
C ASP A 58 -10.52 -13.00 17.36
N HIS A 59 -10.09 -12.37 16.27
CA HIS A 59 -8.71 -11.94 16.08
C HIS A 59 -8.80 -10.53 15.50
N THR A 60 -8.89 -9.54 16.39
CA THR A 60 -9.03 -8.15 15.98
C THR A 60 -7.76 -7.65 15.30
N SER A 61 -7.96 -6.75 14.33
CA SER A 61 -6.89 -6.08 13.62
C SER A 61 -6.82 -4.61 13.97
N VAL A 62 -7.58 -4.18 14.98
CA VAL A 62 -7.53 -2.83 15.51
C VAL A 62 -6.60 -2.86 16.71
N LEU A 63 -5.42 -2.25 16.56
CA LEU A 63 -4.33 -2.41 17.52
C LEU A 63 -3.82 -1.07 18.01
N SER A 64 -3.40 -1.04 19.27
CA SER A 64 -2.70 0.11 19.81
C SER A 64 -1.30 0.20 19.21
N THR A 65 -0.72 1.40 19.27
CA THR A 65 0.66 1.58 18.81
C THR A 65 1.61 0.64 19.54
N SER A 66 1.39 0.40 20.84
CA SER A 66 2.23 -0.53 21.57
C SER A 66 2.10 -1.95 21.02
N ASP A 67 0.87 -2.37 20.71
CA ASP A 67 0.66 -3.70 20.15
C ASP A 67 1.35 -3.83 18.80
N PHE A 68 1.15 -2.83 17.93
CA PHE A 68 1.70 -2.86 16.57
C PHE A 68 3.22 -2.91 16.59
N GLY A 69 3.84 -2.29 17.58
CA GLY A 69 5.28 -2.25 17.72
C GLY A 69 5.84 -3.39 18.52
N GLY A 70 4.98 -4.29 19.00
CA GLY A 70 5.43 -5.47 19.72
C GLY A 70 6.15 -6.42 18.79
N ARG A 71 6.65 -7.50 19.37
CA ARG A 71 7.47 -8.44 18.59
C ARG A 71 6.64 -9.35 17.70
N VAL A 72 5.36 -9.55 18.01
CA VAL A 72 4.49 -10.35 17.15
C VAL A 72 4.19 -9.62 15.84
N VAL A 73 3.68 -8.39 15.94
CA VAL A 73 3.38 -7.61 14.74
C VAL A 73 4.65 -7.02 14.13
N ASN A 74 5.58 -6.55 14.95
CA ASN A 74 6.92 -6.17 14.52
C ASN A 74 6.90 -5.06 13.47
N ASN A 75 5.99 -4.10 13.66
CA ASN A 75 5.71 -3.02 12.71
C ASN A 75 5.29 -3.51 11.32
N ASP A 76 4.80 -4.73 11.18
CA ASP A 76 4.38 -5.27 9.90
C ASP A 76 2.87 -5.34 9.80
N HIS A 77 2.37 -5.36 8.56
CA HIS A 77 0.98 -5.69 8.29
C HIS A 77 0.79 -7.15 7.90
N PHE A 78 1.67 -8.03 8.37
CA PHE A 78 1.44 -9.46 8.26
C PHE A 78 1.76 -10.12 9.59
N LEU A 79 1.21 -11.32 9.77
CA LEU A 79 1.42 -12.13 10.97
C LEU A 79 2.09 -13.44 10.59
N TYR A 80 2.99 -13.91 11.46
CA TYR A 80 3.58 -15.24 11.31
C TYR A 80 2.80 -16.20 12.21
N TRP A 81 2.05 -17.09 11.59
CA TRP A 81 1.19 -18.00 12.35
C TRP A 81 1.93 -19.24 12.82
N GLY A 82 3.08 -19.55 12.23
CA GLY A 82 3.93 -20.60 12.76
C GLY A 82 4.22 -21.72 11.78
N GLU A 83 4.67 -22.84 12.31
CA GLU A 83 5.13 -23.97 11.51
C GLU A 83 4.21 -25.15 11.77
N VAL A 84 3.81 -25.83 10.70
CA VAL A 84 2.98 -27.02 10.75
C VAL A 84 3.79 -28.20 10.23
N SER A 85 3.79 -29.29 10.99
CA SER A 85 4.64 -30.45 10.75
C SER A 85 3.80 -31.71 10.87
N ARG A 86 2.57 -31.65 10.37
CA ARG A 86 1.56 -32.68 10.54
C ARG A 86 1.49 -33.58 9.32
N SER A 87 1.19 -34.86 9.55
CA SER A 87 1.06 -35.87 8.51
C SER A 87 2.33 -35.98 7.67
N GLU A 93 5.45 -36.41 5.37
CA GLU A 93 6.29 -35.43 6.06
C GLU A 93 6.51 -34.18 5.22
N CYS A 94 5.75 -33.13 5.53
CA CYS A 94 5.88 -31.84 4.86
C CYS A 94 5.85 -30.75 5.91
N LYS A 95 6.79 -29.80 5.81
CA LYS A 95 6.81 -28.67 6.72
C LYS A 95 6.19 -27.47 6.01
N MET A 96 5.23 -26.83 6.66
CA MET A 96 4.56 -25.64 6.17
C MET A 96 4.80 -24.44 7.08
N HIS A 97 5.22 -23.32 6.52
CA HIS A 97 5.37 -22.09 7.28
C HIS A 97 4.26 -21.15 6.85
N ILE A 98 3.50 -20.62 7.81
CA ILE A 98 2.25 -19.93 7.52
C ILE A 98 2.36 -18.46 7.91
N VAL A 99 1.87 -17.59 7.02
CA VAL A 99 1.75 -16.16 7.31
C VAL A 99 0.41 -15.67 6.80
N GLU A 100 -0.12 -14.63 7.45
CA GLU A 100 -1.34 -13.97 7.02
C GLU A 100 -1.01 -12.52 6.67
N GLN A 101 -1.31 -12.13 5.45
CA GLN A 101 -1.16 -10.74 5.02
C GLN A 101 -2.48 -10.00 5.27
N THR A 102 -2.42 -8.95 6.10
CA THR A 102 -3.62 -8.21 6.45
C THR A 102 -3.36 -6.70 6.49
N GLU A 103 -4.15 -5.97 7.28
CA GLU A 103 -3.94 -4.55 7.47
C GLU A 103 -4.43 -4.18 8.85
N PHE A 104 -3.56 -3.58 9.66
CA PHE A 104 -3.88 -3.23 11.03
C PHE A 104 -4.22 -1.75 11.11
N ILE A 105 -5.29 -1.42 11.84
CA ILE A 105 -5.72 -0.04 11.96
C ILE A 105 -5.56 0.41 13.39
N ASP A 106 -5.32 1.71 13.55
CA ASP A 106 -5.01 2.29 14.85
C ASP A 106 -6.27 2.36 15.72
N ASP A 107 -6.12 2.08 17.00
CA ASP A 107 -7.29 1.93 17.84
C ASP A 107 -7.82 3.27 18.33
N GLN A 108 -7.22 4.37 17.90
CA GLN A 108 -7.73 5.69 18.21
C GLN A 108 -8.12 6.44 16.95
N THR A 109 -7.23 6.47 15.95
CA THR A 109 -7.47 7.16 14.68
C THR A 109 -8.21 6.28 13.67
N PHE A 110 -8.17 4.96 13.86
CA PHE A 110 -8.84 4.00 12.99
C PHE A 110 -8.37 4.10 11.54
N GLN A 111 -7.13 4.53 11.32
CA GLN A 111 -6.50 4.51 10.01
C GLN A 111 -5.38 3.48 10.04
N PRO A 112 -4.94 2.98 8.88
CA PRO A 112 -3.85 1.99 8.90
C PRO A 112 -2.57 2.50 9.54
N HIS A 113 -1.98 1.66 10.38
CA HIS A 113 -0.63 1.85 10.91
C HIS A 113 0.39 2.05 9.78
N ARG A 114 1.20 3.11 9.88
CA ARG A 114 2.14 3.42 8.80
C ARG A 114 3.39 2.56 8.99
N SER A 115 3.55 1.55 8.14
CA SER A 115 4.55 0.51 8.37
C SER A 115 5.87 0.86 7.69
N GLN A 119 3.79 0.39 1.12
CA GLN A 119 3.03 0.00 -0.06
C GLN A 119 1.55 -0.27 0.28
N PRO A 120 0.68 -0.09 -0.70
CA PRO A 120 -0.73 -0.48 -0.51
C PRO A 120 -0.86 -1.99 -0.31
N TYR A 121 -1.93 -2.39 0.36
CA TYR A 121 -2.14 -3.78 0.72
C TYR A 121 -1.96 -4.74 -0.45
N ILE A 122 -2.57 -4.44 -1.60
CA ILE A 122 -2.51 -5.38 -2.73
C ILE A 122 -1.07 -5.68 -3.14
N LYS A 123 -0.18 -4.69 -3.08
CA LYS A 123 1.23 -4.91 -3.36
C LYS A 123 1.97 -5.58 -2.19
N ARG A 124 1.72 -5.09 -0.97
CA ARG A 124 2.30 -5.67 0.23
C ARG A 124 2.00 -7.17 0.33
N ALA A 125 0.74 -7.55 0.13
CA ALA A 125 0.33 -8.94 0.32
C ALA A 125 0.97 -9.85 -0.72
N ALA A 126 1.33 -9.30 -1.87
CA ALA A 126 1.92 -10.08 -2.96
C ALA A 126 3.42 -10.21 -2.81
N ALA A 127 3.98 -9.65 -1.75
CA ALA A 127 5.41 -9.77 -1.49
C ALA A 127 5.80 -11.23 -1.35
N THR A 128 6.94 -11.60 -1.93
CA THR A 128 7.46 -12.96 -1.86
C THR A 128 8.71 -13.05 -1.01
N LYS A 129 9.24 -11.91 -0.55
CA LYS A 129 10.35 -11.85 0.38
C LYS A 129 9.86 -11.10 1.61
N LEU A 130 9.80 -11.80 2.74
CA LEU A 130 9.20 -11.27 3.97
C LEU A 130 10.26 -11.27 5.07
N ALA A 131 10.97 -10.16 5.20
CA ALA A 131 11.99 -9.99 6.22
C ALA A 131 11.36 -9.27 7.39
N SER A 132 11.32 -9.93 8.54
CA SER A 132 11.04 -9.29 9.83
C SER A 132 11.93 -9.91 10.89
N ALA A 133 13.04 -9.25 11.20
CA ALA A 133 14.03 -9.85 12.08
C ALA A 133 13.46 -9.97 13.49
N GLU A 134 13.61 -11.15 14.08
CA GLU A 134 13.18 -11.44 15.46
C GLU A 134 11.67 -11.35 15.63
N LYS A 135 10.91 -11.53 14.54
CA LYS A 135 9.46 -11.57 14.63
C LYS A 135 9.02 -12.83 15.39
N LEU A 136 8.09 -12.66 16.32
CA LEU A 136 7.54 -13.79 17.07
C LEU A 136 6.24 -14.32 16.48
N MET A 137 6.02 -15.60 16.71
CA MET A 137 4.80 -16.28 16.30
C MET A 137 3.60 -15.70 17.05
N TYR A 138 2.48 -15.53 16.34
CA TYR A 138 1.26 -15.01 16.93
C TYR A 138 0.40 -16.13 17.49
N PHE A 139 -0.07 -15.96 18.72
CA PHE A 139 -1.07 -16.82 19.34
C PHE A 139 -2.47 -16.20 19.40
N CYS A 140 -2.58 -15.01 19.97
CA CYS A 140 -3.87 -14.35 20.18
C CYS A 140 -3.62 -12.89 20.53
N THR A 141 -4.68 -12.08 20.47
CA THR A 141 -4.52 -10.66 20.74
C THR A 141 -4.15 -10.41 22.21
N ASP A 142 -4.52 -11.33 23.10
CA ASP A 142 -4.03 -11.28 24.48
C ASP A 142 -2.51 -11.26 24.54
N GLN A 143 -1.86 -12.01 23.65
CA GLN A 143 -0.40 -12.07 23.60
C GLN A 143 0.21 -10.70 23.32
N LEU A 144 -0.46 -9.84 22.57
CA LEU A 144 0.19 -8.69 21.97
C LEU A 144 0.56 -7.67 23.05
N GLY A 145 1.78 -7.16 22.98
CA GLY A 145 2.34 -6.35 24.05
C GLY A 145 2.50 -7.06 25.38
N LEU A 146 2.44 -8.40 25.38
CA LEU A 146 2.55 -9.20 26.59
C LEU A 146 3.18 -10.54 26.28
N GLU A 147 4.20 -10.53 25.41
CA GLU A 147 4.65 -11.76 24.76
C GLU A 147 5.50 -12.63 25.68
N GLN A 148 6.18 -12.03 26.65
CA GLN A 148 6.81 -12.79 27.72
C GLN A 148 5.83 -13.74 28.41
N ASP A 149 4.54 -13.40 28.42
CA ASP A 149 3.53 -14.27 29.03
C ASP A 149 3.20 -15.50 28.21
N PHE A 150 3.65 -15.56 26.95
CA PHE A 150 3.38 -16.69 26.08
C PHE A 150 4.69 -17.30 25.60
N GLU A 151 4.59 -18.49 25.02
CA GLU A 151 5.72 -19.09 24.33
C GLU A 151 6.24 -18.15 23.26
N GLN A 152 7.56 -18.02 23.18
CA GLN A 152 8.24 -17.14 22.24
C GLN A 152 8.99 -17.95 21.18
N LYS A 153 8.29 -18.30 20.10
CA LYS A 153 8.90 -18.98 18.97
C LYS A 153 9.12 -17.96 17.87
N GLN A 154 10.36 -17.85 17.41
CA GLN A 154 10.74 -16.89 16.38
C GLN A 154 10.47 -17.43 14.98
N MET A 155 10.03 -16.53 14.11
CA MET A 155 9.95 -16.85 12.69
C MET A 155 11.34 -17.28 12.19
N PRO A 156 11.44 -18.37 11.43
CA PRO A 156 12.77 -18.88 11.06
C PRO A 156 13.57 -17.87 10.24
N ASP A 157 14.81 -17.66 10.68
CA ASP A 157 15.82 -16.84 10.01
C ASP A 157 15.43 -15.36 9.92
N GLY A 158 14.36 -14.95 10.60
CA GLY A 158 13.81 -13.62 10.43
C GLY A 158 13.29 -13.32 9.03
N LYS A 159 13.21 -14.34 8.18
CA LYS A 159 12.94 -14.13 6.77
C LYS A 159 12.20 -15.34 6.22
N LEU A 160 11.20 -15.08 5.38
CA LEU A 160 10.50 -16.13 4.65
C LEU A 160 10.43 -15.78 3.17
N LEU A 161 10.82 -16.73 2.32
CA LEU A 161 10.59 -16.63 0.88
C LEU A 161 9.30 -17.37 0.55
N VAL A 162 8.27 -16.61 0.16
CA VAL A 162 6.94 -17.18 -0.02
C VAL A 162 6.95 -18.18 -1.16
N ASP A 163 6.42 -19.38 -0.90
CA ASP A 163 6.32 -20.43 -1.90
C ASP A 163 4.96 -20.44 -2.61
N GLY A 164 3.91 -19.96 -1.96
CA GLY A 164 2.60 -20.04 -2.57
C GLY A 164 1.60 -19.20 -1.81
N PHE A 165 0.44 -18.99 -2.43
CA PHE A 165 -0.61 -18.16 -1.85
C PHE A 165 -1.93 -18.89 -1.74
N LEU A 166 -2.62 -18.68 -0.62
CA LEU A 166 -4.04 -18.98 -0.49
C LEU A 166 -4.81 -17.66 -0.61
N LEU A 167 -5.72 -17.60 -1.58
CA LEU A 167 -6.51 -16.40 -1.82
C LEU A 167 -7.91 -16.61 -1.23
N GLY A 168 -8.15 -16.01 -0.07
CA GLY A 168 -9.40 -16.22 0.63
C GLY A 168 -10.51 -15.39 0.02
N ILE A 169 -11.69 -16.00 -0.08
CA ILE A 169 -12.90 -15.31 -0.51
C ILE A 169 -14.03 -15.72 0.42
N ASP A 170 -14.55 -14.74 1.15
CA ASP A 170 -15.65 -14.92 2.08
C ASP A 170 -16.95 -15.04 1.27
N VAL A 171 -17.64 -16.17 1.38
CA VAL A 171 -18.83 -16.36 0.57
C VAL A 171 -20.07 -16.32 1.44
N SER A 172 -19.89 -15.81 2.66
CA SER A 172 -20.90 -15.66 3.70
C SER A 172 -21.58 -14.33 3.39
N ARG A 173 -22.84 -14.18 3.79
CA ARG A 173 -23.39 -12.84 3.63
C ARG A 173 -22.72 -11.87 4.59
N GLY A 174 -22.19 -12.37 5.71
CA GLY A 174 -21.25 -11.65 6.56
C GLY A 174 -21.47 -10.17 6.77
N MET A 175 -22.49 -9.82 7.54
CA MET A 175 -22.78 -8.44 7.92
C MET A 175 -22.98 -7.54 6.69
N ASN A 176 -23.82 -8.01 5.78
CA ASN A 176 -24.27 -7.23 4.62
C ASN A 176 -23.08 -6.73 3.79
N ARG A 177 -22.19 -7.65 3.44
CA ARG A 177 -21.02 -7.28 2.67
C ARG A 177 -21.39 -6.97 1.22
N ASN A 178 -20.68 -6.00 0.65
CA ASN A 178 -20.76 -5.72 -0.78
C ASN A 178 -19.90 -6.74 -1.49
N PHE A 179 -20.54 -7.86 -1.88
CA PHE A 179 -19.78 -9.01 -2.38
C PHE A 179 -19.06 -8.67 -3.67
N ASP A 180 -19.71 -7.91 -4.56
CA ASP A 180 -19.11 -7.61 -5.85
C ASP A 180 -17.85 -6.77 -5.67
N ASP A 181 -17.83 -5.87 -4.69
CA ASP A 181 -16.59 -5.15 -4.40
C ASP A 181 -15.52 -6.09 -3.85
N GLN A 182 -15.93 -7.08 -3.05
CA GLN A 182 -14.96 -8.07 -2.59
C GLN A 182 -14.32 -8.76 -3.78
N LEU A 183 -15.15 -9.23 -4.72
CA LEU A 183 -14.64 -9.99 -5.85
C LEU A 183 -13.77 -9.13 -6.76
N LYS A 184 -14.12 -7.84 -6.91
CA LYS A 184 -13.27 -6.91 -7.63
C LYS A 184 -11.89 -6.79 -6.99
N PHE A 185 -11.88 -6.63 -5.66
CA PHE A 185 -10.63 -6.59 -4.91
C PHE A 185 -9.84 -7.88 -5.09
N VAL A 186 -10.52 -9.01 -4.98
CA VAL A 186 -9.91 -10.32 -5.20
C VAL A 186 -9.30 -10.42 -6.59
N SER A 187 -10.00 -9.93 -7.61
CA SER A 187 -9.45 -9.97 -8.97
C SER A 187 -8.17 -9.13 -9.09
N ASN A 188 -8.14 -7.94 -8.49
CA ASN A 188 -6.93 -7.12 -8.57
C ASN A 188 -5.77 -7.75 -7.79
N LEU A 189 -6.08 -8.30 -6.61
CA LEU A 189 -5.07 -9.00 -5.84
C LEU A 189 -4.56 -10.20 -6.61
N TYR A 190 -5.47 -10.93 -7.26
CA TYR A 190 -5.07 -12.08 -8.06
C TYR A 190 -4.10 -11.66 -9.14
N ASN A 191 -4.40 -10.57 -9.85
CA ASN A 191 -3.51 -10.11 -10.91
C ASN A 191 -2.10 -9.86 -10.36
N GLN A 192 -2.02 -9.19 -9.20
CA GLN A 192 -0.71 -8.98 -8.59
C GLN A 192 -0.03 -10.29 -8.21
N LEU A 193 -0.76 -11.24 -7.61
CA LEU A 193 -0.17 -12.54 -7.31
C LEU A 193 0.29 -13.26 -8.56
N ALA A 194 -0.54 -13.26 -9.61
CA ALA A 194 -0.23 -13.99 -10.84
C ALA A 194 1.01 -13.45 -11.51
N LYS A 195 1.27 -12.15 -11.40
CA LYS A 195 2.51 -11.62 -11.95
C LYS A 195 3.73 -12.29 -11.32
N THR A 196 3.60 -12.78 -10.09
CA THR A 196 4.72 -13.45 -9.42
C THR A 196 5.00 -14.84 -9.99
N LYS A 197 4.04 -15.44 -10.69
CA LYS A 197 4.08 -16.83 -11.15
C LYS A 197 4.16 -17.84 -10.01
N LYS A 198 3.89 -17.43 -8.78
CA LYS A 198 3.79 -18.38 -7.68
C LYS A 198 2.43 -19.07 -7.68
N PRO A 199 2.38 -20.33 -7.27
CA PRO A 199 1.10 -21.05 -7.19
C PRO A 199 0.10 -20.33 -6.29
N ILE A 200 -1.16 -20.31 -6.72
CA ILE A 200 -2.25 -19.73 -5.96
C ILE A 200 -3.39 -20.74 -5.91
N VAL A 201 -3.97 -20.92 -4.73
CA VAL A 201 -5.22 -21.67 -4.56
C VAL A 201 -6.26 -20.75 -3.97
N ILE A 202 -7.43 -20.70 -4.60
CA ILE A 202 -8.56 -19.93 -4.07
C ILE A 202 -9.22 -20.75 -2.98
N VAL A 203 -9.52 -20.10 -1.85
CA VAL A 203 -10.12 -20.74 -0.69
C VAL A 203 -11.40 -20.01 -0.35
N LEU A 204 -12.53 -20.70 -0.42
CA LEU A 204 -13.79 -20.11 0.00
C LEU A 204 -13.95 -20.32 1.50
N THR A 205 -14.19 -19.23 2.22
CA THR A 205 -14.28 -19.26 3.67
C THR A 205 -15.71 -19.10 4.14
N LYS A 206 -15.96 -19.58 5.35
CA LYS A 206 -17.27 -19.51 6.01
C LYS A 206 -18.35 -20.22 5.20
N CYS A 207 -18.02 -21.39 4.65
CA CYS A 207 -18.98 -22.07 3.79
C CYS A 207 -20.11 -22.68 4.61
N ASP A 208 -19.93 -22.83 5.91
CA ASP A 208 -21.03 -23.16 6.82
C ASP A 208 -22.15 -22.14 6.76
N GLU A 209 -21.86 -20.92 6.31
CA GLU A 209 -22.87 -19.89 6.08
C GLU A 209 -22.86 -19.43 4.62
N GLY A 210 -22.51 -20.31 3.71
CA GLY A 210 -22.28 -19.90 2.34
C GLY A 210 -23.56 -19.47 1.65
N VAL A 211 -23.41 -18.50 0.75
CA VAL A 211 -24.48 -18.05 -0.13
C VAL A 211 -24.22 -18.68 -1.50
N GLU A 212 -25.23 -19.37 -2.04
CA GLU A 212 -25.03 -20.09 -3.28
C GLU A 212 -24.65 -19.15 -4.42
N ARG A 213 -25.24 -17.94 -4.45
CA ARG A 213 -24.91 -17.02 -5.51
C ARG A 213 -23.45 -16.58 -5.41
N TYR A 214 -22.96 -16.37 -4.19
CA TYR A 214 -21.58 -15.97 -3.98
C TYR A 214 -20.62 -17.10 -4.31
N ILE A 215 -20.90 -18.30 -3.80
CA ILE A 215 -20.06 -19.46 -4.11
C ILE A 215 -19.97 -19.66 -5.62
N ARG A 216 -21.12 -19.63 -6.29
CA ARG A 216 -21.15 -19.78 -7.75
C ARG A 216 -20.33 -18.69 -8.45
N ASP A 217 -20.49 -17.42 -8.03
CA ASP A 217 -19.70 -16.35 -8.63
C ASP A 217 -18.20 -16.56 -8.41
N ALA A 218 -17.82 -17.04 -7.23
CA ALA A 218 -16.41 -17.31 -6.96
C ALA A 218 -15.89 -18.42 -7.84
N HIS A 219 -16.69 -19.47 -8.03
CA HIS A 219 -16.29 -20.57 -8.90
C HIS A 219 -16.16 -20.10 -10.34
N THR A 220 -17.10 -19.29 -10.83
CA THR A 220 -16.99 -18.75 -12.18
C THR A 220 -15.73 -17.91 -12.36
N PHE A 221 -15.43 -17.04 -11.40
CA PHE A 221 -14.19 -16.28 -11.46
C PHE A 221 -12.98 -17.20 -11.53
N ALA A 222 -12.93 -18.22 -10.67
CA ALA A 222 -11.75 -19.08 -10.65
C ALA A 222 -11.65 -19.94 -11.90
N LEU A 223 -12.78 -20.36 -12.47
CA LEU A 223 -12.79 -21.10 -13.72
C LEU A 223 -12.34 -20.22 -14.88
N SER A 224 -12.46 -18.90 -14.74
CA SER A 224 -11.95 -18.02 -15.78
C SER A 224 -10.43 -17.97 -15.81
N LYS A 225 -9.75 -18.50 -14.79
CA LYS A 225 -8.30 -18.46 -14.70
C LYS A 225 -7.69 -19.84 -14.99
N LYS A 226 -6.37 -19.83 -15.14
CA LYS A 226 -5.59 -21.02 -15.47
C LYS A 226 -5.22 -21.85 -14.24
N ASN A 227 -5.72 -23.09 -14.19
CA ASN A 227 -5.41 -24.05 -13.14
C ASN A 227 -5.53 -23.44 -11.75
N LEU A 228 -6.62 -22.70 -11.54
CA LEU A 228 -6.84 -22.07 -10.26
C LEU A 228 -7.79 -23.01 -9.52
N GLN A 229 -7.27 -23.67 -8.48
CA GLN A 229 -8.08 -24.62 -7.73
C GLN A 229 -8.90 -23.87 -6.69
N VAL A 230 -10.04 -24.45 -6.33
CA VAL A 230 -10.92 -23.86 -5.32
C VAL A 230 -11.17 -24.90 -4.24
N VAL A 231 -10.80 -24.58 -3.00
CA VAL A 231 -11.14 -25.41 -1.86
C VAL A 231 -12.18 -24.69 -1.01
N GLU A 232 -13.29 -25.37 -0.73
CA GLU A 232 -14.39 -24.77 0.01
C GLU A 232 -14.20 -25.13 1.48
N THR A 233 -14.02 -24.12 2.32
CA THR A 233 -13.65 -24.33 3.71
C THR A 233 -14.64 -23.68 4.66
N SER A 234 -14.63 -24.18 5.90
CA SER A 234 -15.17 -23.47 7.05
C SER A 234 -14.19 -23.67 8.20
N ALA A 235 -13.54 -22.59 8.63
CA ALA A 235 -12.66 -22.69 9.79
C ALA A 235 -13.48 -22.96 11.06
N ARG A 236 -14.67 -22.39 11.14
CA ARG A 236 -15.50 -22.54 12.33
C ARG A 236 -15.91 -23.99 12.53
N SER A 237 -16.46 -24.61 11.49
CA SER A 237 -16.85 -26.01 11.56
C SER A 237 -15.70 -26.96 11.28
N ASN A 238 -14.53 -26.44 10.92
CA ASN A 238 -13.33 -27.23 10.63
C ASN A 238 -13.58 -28.23 9.50
N VAL A 239 -13.89 -27.70 8.32
CA VAL A 239 -14.10 -28.50 7.12
C VAL A 239 -13.10 -28.06 6.06
N ASN A 240 -12.35 -29.02 5.52
CA ASN A 240 -11.49 -28.87 4.35
C ASN A 240 -10.35 -27.86 4.54
N VAL A 241 -9.96 -27.57 5.78
CA VAL A 241 -8.87 -26.62 6.00
C VAL A 241 -7.54 -27.26 5.60
N ASP A 242 -7.26 -28.43 6.18
CA ASP A 242 -6.08 -29.18 5.81
C ASP A 242 -6.08 -29.45 4.31
N LEU A 243 -7.25 -29.78 3.75
CA LEU A 243 -7.31 -30.04 2.31
C LEU A 243 -6.84 -28.83 1.53
N ALA A 244 -7.24 -27.62 1.96
CA ALA A 244 -6.85 -26.40 1.29
C ALA A 244 -5.33 -26.25 1.29
N PHE A 245 -4.72 -26.46 2.45
CA PHE A 245 -3.27 -26.26 2.52
C PHE A 245 -2.54 -27.35 1.75
N SER A 246 -2.99 -28.61 1.87
CA SER A 246 -2.29 -29.68 1.18
C SER A 246 -2.40 -29.49 -0.33
N THR A 247 -3.58 -29.05 -0.79
CA THR A 247 -3.79 -28.74 -2.20
C THR A 247 -2.77 -27.72 -2.69
N LEU A 248 -2.58 -26.66 -1.90
CA LEU A 248 -1.56 -25.68 -2.27
C LEU A 248 -0.17 -26.30 -2.28
N VAL A 249 0.16 -27.11 -1.26
CA VAL A 249 1.48 -27.74 -1.22
C VAL A 249 1.70 -28.60 -2.46
N GLN A 250 0.65 -29.31 -2.90
CA GLN A 250 0.74 -30.15 -4.07
C GLN A 250 0.99 -29.34 -5.33
N LEU A 251 0.28 -28.22 -5.49
CA LEU A 251 0.57 -27.34 -6.62
C LEU A 251 1.98 -26.78 -6.54
N ILE A 252 2.43 -26.46 -5.32
CA ILE A 252 3.79 -25.97 -5.15
C ILE A 252 4.77 -27.00 -5.66
N ASP A 253 4.51 -28.29 -5.40
CA ASP A 253 5.56 -29.17 -5.86
C ASP A 253 5.34 -29.50 -7.32
N LYS A 254 4.13 -29.23 -7.82
CA LYS A 254 3.84 -29.36 -9.24
C LYS A 254 4.85 -28.54 -10.00
N SER A 255 4.93 -27.25 -9.61
CA SER A 255 5.78 -26.28 -10.27
C SER A 255 7.25 -26.41 -9.87
N ARG A 256 7.53 -26.84 -8.63
CA ARG A 256 8.92 -27.05 -8.25
C ARG A 256 9.57 -28.14 -9.09
N GLY A 257 8.82 -29.17 -9.44
CA GLY A 257 9.33 -30.25 -10.26
C GLY A 257 9.50 -29.86 -11.72
N VAL B 23 4.19 23.82 -6.06
CA VAL B 23 5.30 22.89 -6.15
C VAL B 23 4.96 21.79 -7.15
N VAL B 24 5.84 21.62 -8.14
CA VAL B 24 5.67 20.63 -9.20
C VAL B 24 6.93 19.79 -9.28
N GLY B 25 6.82 18.66 -9.96
CA GLY B 25 7.94 17.75 -10.10
C GLY B 25 7.48 16.42 -10.66
N LEU B 26 8.43 15.48 -10.70
CA LEU B 26 8.14 14.15 -11.22
C LEU B 26 7.02 13.50 -10.43
N SER B 27 5.96 13.11 -11.13
CA SER B 27 4.80 12.49 -10.50
C SER B 27 4.15 11.52 -11.48
N GLY B 28 3.45 10.54 -10.95
CA GLY B 28 2.76 9.57 -11.77
C GLY B 28 2.77 8.20 -11.10
N THR B 29 2.63 7.17 -11.92
CA THR B 29 2.66 5.79 -11.44
C THR B 29 4.09 5.36 -11.16
N GLU B 30 4.23 4.14 -10.64
CA GLU B 30 5.56 3.58 -10.44
C GLU B 30 6.29 3.34 -11.75
N LYS B 31 5.56 3.28 -12.87
CA LYS B 31 6.18 3.32 -14.18
C LYS B 31 6.86 4.65 -14.45
N GLU B 32 6.53 5.68 -13.68
CA GLU B 32 7.09 7.03 -13.86
C GLU B 32 7.97 7.47 -12.71
N LYS B 33 7.54 7.27 -11.47
CA LYS B 33 8.33 7.69 -10.31
C LYS B 33 9.03 6.54 -9.60
N GLY B 34 8.76 5.29 -9.97
CA GLY B 34 9.49 4.17 -9.43
C GLY B 34 9.33 3.92 -7.95
N GLN B 35 8.09 3.70 -7.50
CA GLN B 35 7.77 3.28 -6.13
C GLN B 35 8.17 4.31 -5.08
N CYS B 36 8.48 5.54 -5.47
CA CYS B 36 8.86 6.55 -4.50
C CYS B 36 8.71 7.93 -5.14
N GLY B 37 8.29 8.91 -4.33
CA GLY B 37 8.14 10.26 -4.80
C GLY B 37 9.43 11.06 -4.71
N ILE B 38 9.40 12.27 -5.26
CA ILE B 38 10.59 13.10 -5.29
C ILE B 38 10.72 14.02 -4.08
N GLY B 39 9.61 14.29 -3.38
CA GLY B 39 9.68 15.06 -2.15
C GLY B 39 8.84 16.33 -2.12
N LYS B 40 7.83 16.41 -2.99
CA LYS B 40 6.97 17.59 -3.03
C LYS B 40 6.19 17.73 -1.73
N SER B 41 5.54 16.64 -1.29
CA SER B 41 4.68 16.70 -0.12
C SER B 41 5.46 17.02 1.14
N CYS B 42 6.62 16.38 1.33
CA CYS B 42 7.43 16.65 2.51
C CYS B 42 7.95 18.09 2.50
N LEU B 43 8.32 18.59 1.33
CA LEU B 43 8.78 19.98 1.23
C LEU B 43 7.66 20.94 1.60
N CYS B 44 6.46 20.71 1.07
CA CYS B 44 5.32 21.57 1.39
C CYS B 44 4.99 21.52 2.88
N ASN B 45 5.05 20.32 3.47
CA ASN B 45 4.76 20.18 4.90
C ASN B 45 5.79 20.91 5.73
N ARG B 46 7.07 20.76 5.41
CA ARG B 46 8.12 21.47 6.15
C ARG B 46 7.99 22.97 5.99
N PHE B 47 7.50 23.44 4.84
CA PHE B 47 7.32 24.87 4.65
C PHE B 47 6.14 25.39 5.47
N VAL B 48 4.94 24.88 5.21
CA VAL B 48 3.76 25.43 5.86
C VAL B 48 3.75 25.11 7.35
N ARG B 49 4.30 23.96 7.74
CA ARG B 49 4.28 23.55 9.14
C ARG B 49 5.63 22.95 9.55
N HIS B 59 3.15 11.01 3.17
CA HIS B 59 2.00 11.40 2.37
C HIS B 59 1.91 10.58 1.09
N THR B 60 1.18 9.47 1.16
CA THR B 60 1.09 8.56 0.02
C THR B 60 0.13 9.10 -1.03
N SER B 61 0.45 8.85 -2.29
CA SER B 61 -0.39 9.25 -3.42
C SER B 61 -1.25 8.12 -3.94
N VAL B 62 -1.26 6.99 -3.24
CA VAL B 62 -2.03 5.81 -3.65
C VAL B 62 -3.30 5.79 -2.81
N LEU B 63 -4.40 6.23 -3.42
CA LEU B 63 -5.67 6.38 -2.71
C LEU B 63 -6.74 5.48 -3.33
N SER B 64 -7.67 5.05 -2.49
CA SER B 64 -8.87 4.38 -2.99
C SER B 64 -9.80 5.42 -3.62
N THR B 65 -10.77 4.92 -4.38
CA THR B 65 -11.69 5.83 -5.08
C THR B 65 -12.46 6.71 -4.11
N SER B 66 -12.82 6.15 -2.94
CA SER B 66 -13.48 6.94 -1.92
C SER B 66 -12.59 8.08 -1.44
N ASP B 67 -11.30 7.80 -1.23
CA ASP B 67 -10.38 8.85 -0.81
C ASP B 67 -10.22 9.91 -1.90
N PHE B 68 -10.16 9.49 -3.16
CA PHE B 68 -10.06 10.44 -4.26
C PHE B 68 -11.31 11.30 -4.38
N GLY B 69 -12.45 10.77 -3.95
CA GLY B 69 -13.69 11.54 -3.95
C GLY B 69 -13.91 12.39 -2.72
N GLY B 70 -13.08 12.24 -1.69
CA GLY B 70 -13.24 13.05 -0.49
C GLY B 70 -13.02 14.51 -0.76
N ARG B 71 -13.53 15.34 0.16
CA ARG B 71 -13.50 16.79 0.00
C ARG B 71 -12.08 17.34 -0.04
N VAL B 72 -11.10 16.65 0.55
CA VAL B 72 -9.74 17.16 0.55
C VAL B 72 -9.12 17.01 -0.84
N VAL B 73 -9.22 15.82 -1.43
CA VAL B 73 -8.73 15.60 -2.79
C VAL B 73 -9.72 16.15 -3.80
N ASN B 74 -11.01 15.84 -3.62
CA ASN B 74 -12.09 16.44 -4.41
C ASN B 74 -11.93 16.18 -5.90
N ASN B 75 -11.57 14.94 -6.25
CA ASN B 75 -11.42 14.51 -7.64
C ASN B 75 -10.42 15.38 -8.39
N ASP B 76 -9.32 15.74 -7.71
CA ASP B 76 -8.28 16.56 -8.30
C ASP B 76 -6.94 15.83 -8.18
N HIS B 77 -5.98 16.27 -8.98
CA HIS B 77 -4.62 15.75 -8.94
C HIS B 77 -3.66 16.74 -8.29
N PHE B 78 -4.18 17.60 -7.41
CA PHE B 78 -3.35 18.51 -6.64
C PHE B 78 -3.91 18.62 -5.23
N LEU B 79 -3.12 19.21 -4.35
CA LEU B 79 -3.49 19.43 -2.97
C LEU B 79 -3.22 20.88 -2.59
N TYR B 80 -3.96 21.36 -1.58
CA TYR B 80 -3.79 22.71 -1.06
C TYR B 80 -3.14 22.61 0.31
N TRP B 81 -1.87 23.02 0.39
CA TRP B 81 -1.14 23.01 1.66
C TRP B 81 -1.36 24.30 2.42
N VAL B 99 0.61 25.20 -3.24
CA VAL B 99 -0.05 23.95 -3.59
C VAL B 99 0.95 22.96 -4.18
N GLU B 100 0.60 21.67 -4.11
CA GLU B 100 1.41 20.60 -4.66
C GLU B 100 0.67 19.93 -5.80
N GLN B 101 1.32 19.84 -6.95
CA GLN B 101 0.80 19.12 -8.11
C GLN B 101 1.44 17.74 -8.17
N THR B 102 0.61 16.70 -8.12
CA THR B 102 1.10 15.33 -8.16
C THR B 102 0.12 14.52 -9.01
N GLU B 103 0.17 13.20 -8.87
CA GLU B 103 -0.76 12.31 -9.56
C GLU B 103 -1.20 11.22 -8.60
N PHE B 104 -2.49 11.21 -8.27
CA PHE B 104 -3.05 10.19 -7.40
C PHE B 104 -3.46 8.97 -8.22
N ILE B 105 -3.12 7.79 -7.72
CA ILE B 105 -3.39 6.53 -8.42
C ILE B 105 -4.24 5.63 -7.53
N ASP B 106 -4.98 4.74 -8.19
CA ASP B 106 -5.90 3.85 -7.50
C ASP B 106 -5.14 2.83 -6.65
N ASP B 107 -5.69 2.50 -5.49
CA ASP B 107 -5.03 1.58 -4.57
C ASP B 107 -5.22 0.12 -4.94
N GLN B 108 -5.99 -0.17 -5.99
CA GLN B 108 -6.22 -1.55 -6.42
C GLN B 108 -5.66 -1.85 -7.79
N THR B 109 -5.76 -0.91 -8.73
CA THR B 109 -5.21 -1.10 -10.06
C THR B 109 -3.88 -0.38 -10.27
N PHE B 110 -3.55 0.58 -9.39
CA PHE B 110 -2.32 1.35 -9.48
C PHE B 110 -2.26 2.12 -10.80
N GLN B 111 -3.43 2.48 -11.33
CA GLN B 111 -3.71 3.33 -12.48
C GLN B 111 -4.16 4.71 -11.99
N PRO B 112 -3.87 5.78 -12.72
CA PRO B 112 -4.23 7.12 -12.24
C PRO B 112 -5.74 7.30 -12.17
N HIS B 113 -6.18 8.04 -11.15
CA HIS B 113 -7.58 8.42 -11.08
C HIS B 113 -7.89 9.47 -12.13
N ARG B 114 -9.06 9.36 -12.74
CA ARG B 114 -9.48 10.35 -13.74
C ARG B 114 -10.04 11.59 -13.04
N SER B 115 -9.48 12.75 -13.39
CA SER B 115 -9.90 14.01 -12.79
C SER B 115 -10.89 14.73 -13.69
N PRO B 120 -2.90 14.55 -18.93
CA PRO B 120 -1.46 14.72 -18.77
C PRO B 120 -1.09 15.51 -17.52
N TYR B 121 -0.20 14.95 -16.69
CA TYR B 121 0.30 15.70 -15.55
C TYR B 121 1.14 16.89 -15.97
N ILE B 122 1.86 16.78 -17.09
CA ILE B 122 2.73 17.87 -17.52
C ILE B 122 1.90 19.09 -17.88
N LYS B 123 0.73 18.88 -18.48
CA LYS B 123 -0.19 20.00 -18.71
C LYS B 123 -1.08 20.27 -17.53
N ARG B 124 -1.17 19.35 -16.57
CA ARG B 124 -1.95 19.56 -15.37
C ARG B 124 -1.26 20.53 -14.41
N ALA B 125 0.05 20.38 -14.25
CA ALA B 125 0.79 21.21 -13.30
C ALA B 125 1.08 22.60 -13.86
N ALA B 126 1.25 22.72 -15.18
CA ALA B 126 1.55 24.01 -15.79
C ALA B 126 0.34 24.94 -15.84
N ALA B 127 -0.82 24.49 -15.37
CA ALA B 127 -2.00 25.34 -15.38
C ALA B 127 -1.84 26.50 -14.40
N THR B 128 -2.23 27.69 -14.85
CA THR B 128 -2.18 28.89 -14.01
C THR B 128 -3.52 29.17 -13.32
N LYS B 129 -4.58 28.44 -13.67
CA LYS B 129 -5.88 28.56 -13.04
C LYS B 129 -6.28 27.20 -12.48
N LEU B 130 -6.60 27.17 -11.19
CA LEU B 130 -7.01 25.93 -10.52
C LEU B 130 -8.37 26.16 -9.87
N ALA B 131 -9.42 25.58 -10.44
CA ALA B 131 -10.79 25.79 -10.00
C ALA B 131 -11.37 24.48 -9.52
N SER B 132 -11.75 24.43 -8.25
CA SER B 132 -12.40 23.26 -7.66
C SER B 132 -13.42 23.73 -6.62
N ALA B 133 -14.33 22.83 -6.27
CA ALA B 133 -15.46 23.16 -5.41
C ALA B 133 -15.35 22.43 -4.07
N GLU B 134 -15.50 23.17 -2.97
CA GLU B 134 -15.54 22.61 -1.62
C GLU B 134 -14.26 21.84 -1.30
N LYS B 135 -13.12 22.42 -1.64
CA LYS B 135 -11.82 21.84 -1.30
C LYS B 135 -11.38 22.35 0.06
N LEU B 136 -10.65 21.51 0.79
CA LEU B 136 -10.12 21.84 2.10
C LEU B 136 -8.60 21.76 2.10
N MET B 137 -8.01 22.30 3.16
CA MET B 137 -6.56 22.21 3.33
C MET B 137 -6.17 20.79 3.71
N TYR B 138 -5.00 20.38 3.21
CA TYR B 138 -4.49 19.02 3.45
C TYR B 138 -3.62 19.03 4.70
N PHE B 139 -3.99 18.22 5.69
CA PHE B 139 -3.19 18.02 6.90
C PHE B 139 -2.26 16.83 6.75
N CYS B 140 -2.82 15.64 6.57
CA CYS B 140 -2.05 14.41 6.43
C CYS B 140 -2.94 13.37 5.75
N THR B 141 -2.37 12.18 5.56
CA THR B 141 -3.14 11.10 4.94
C THR B 141 -4.29 10.66 5.83
N ASP B 142 -4.12 10.73 7.15
CA ASP B 142 -5.19 10.33 8.07
C ASP B 142 -6.37 11.29 8.04
N GLN B 143 -6.16 12.52 7.56
CA GLN B 143 -7.27 13.46 7.42
C GLN B 143 -8.31 12.96 6.43
N LEU B 144 -7.87 12.25 5.39
CA LEU B 144 -8.76 11.75 4.35
C LEU B 144 -9.83 10.81 4.89
N GLN B 154 -11.30 25.93 4.06
CA GLN B 154 -11.45 25.72 2.62
C GLN B 154 -10.36 26.43 1.83
N MET B 155 -10.24 26.06 0.56
CA MET B 155 -9.38 26.79 -0.36
C MET B 155 -9.98 28.17 -0.61
N PRO B 156 -9.18 29.25 -0.54
CA PRO B 156 -9.76 30.59 -0.67
C PRO B 156 -10.37 30.82 -2.05
N ASP B 157 -11.60 31.32 -2.07
CA ASP B 157 -12.33 31.69 -3.27
C ASP B 157 -12.66 30.49 -4.16
N GLY B 158 -12.41 29.27 -3.69
CA GLY B 158 -12.65 28.09 -4.50
C GLY B 158 -11.88 28.05 -5.80
N LYS B 159 -10.83 28.85 -5.93
CA LYS B 159 -10.02 28.93 -7.13
C LYS B 159 -8.72 29.64 -6.78
N LEU B 160 -7.66 29.30 -7.51
CA LEU B 160 -6.35 29.90 -7.29
C LEU B 160 -5.70 30.23 -8.62
N LEU B 161 -5.08 31.41 -8.68
CA LEU B 161 -4.28 31.83 -9.82
C LEU B 161 -2.80 31.66 -9.46
N VAL B 162 -2.09 30.89 -10.28
CA VAL B 162 -0.70 30.57 -9.97
C VAL B 162 0.19 31.79 -10.21
N ASP B 163 1.08 32.05 -9.26
CA ASP B 163 2.08 33.10 -9.38
C ASP B 163 3.46 32.56 -9.74
N GLY B 164 3.90 31.47 -9.09
CA GLY B 164 5.20 30.90 -9.38
C GLY B 164 5.15 29.39 -9.35
N PHE B 165 6.22 28.79 -9.84
CA PHE B 165 6.38 27.34 -9.89
C PHE B 165 7.67 26.94 -9.21
N LEU B 166 7.62 25.85 -8.43
CA LEU B 166 8.79 25.27 -7.79
C LEU B 166 9.04 23.91 -8.44
N LEU B 167 9.99 23.88 -9.37
CA LEU B 167 10.32 22.65 -10.09
C LEU B 167 11.31 21.85 -9.26
N GLY B 168 10.86 20.74 -8.69
CA GLY B 168 11.71 19.91 -7.87
C GLY B 168 12.44 18.84 -8.66
N ILE B 169 13.62 18.46 -8.17
CA ILE B 169 14.44 17.41 -8.77
C ILE B 169 15.03 16.58 -7.64
N ASP B 170 14.71 15.29 -7.60
CA ASP B 170 15.26 14.40 -6.58
C ASP B 170 16.65 13.95 -6.99
N VAL B 171 17.62 14.14 -6.10
CA VAL B 171 19.01 13.82 -6.35
C VAL B 171 19.55 12.85 -5.30
N SER B 172 18.67 12.16 -4.57
CA SER B 172 19.07 11.34 -3.44
C SER B 172 19.58 9.98 -3.89
N ARG B 173 19.90 9.15 -2.91
CA ARG B 173 20.46 7.82 -3.13
C ARG B 173 19.46 6.76 -2.67
N GLY B 174 19.33 5.69 -3.47
CA GLY B 174 18.51 4.57 -3.08
C GLY B 174 17.03 4.72 -3.38
N MET B 175 16.69 5.28 -4.54
CA MET B 175 15.29 5.41 -4.95
C MET B 175 14.88 4.39 -6.01
N ASN B 176 15.85 3.70 -6.62
CA ASN B 176 15.59 2.67 -7.62
C ASN B 176 14.80 3.23 -8.80
N ARG B 177 15.35 4.29 -9.40
CA ARG B 177 14.78 4.89 -10.59
C ARG B 177 15.88 5.61 -11.36
N ASN B 178 15.72 5.68 -12.67
CA ASN B 178 16.74 6.28 -13.52
C ASN B 178 16.68 7.80 -13.40
N PHE B 179 17.82 8.40 -13.05
CA PHE B 179 17.86 9.85 -12.87
C PHE B 179 17.80 10.58 -14.20
N ASP B 180 18.31 9.98 -15.28
CA ASP B 180 18.29 10.64 -16.58
C ASP B 180 16.87 10.76 -17.12
N ASP B 181 16.06 9.73 -16.92
CA ASP B 181 14.66 9.82 -17.33
C ASP B 181 13.90 10.83 -16.48
N GLN B 182 14.24 10.92 -15.19
CA GLN B 182 13.67 11.97 -14.35
C GLN B 182 14.04 13.35 -14.89
N LEU B 183 15.29 13.52 -15.33
CA LEU B 183 15.73 14.81 -15.84
C LEU B 183 15.04 15.13 -17.17
N LYS B 184 14.79 14.11 -17.99
CA LYS B 184 14.03 14.32 -19.23
C LYS B 184 12.59 14.74 -18.93
N PHE B 185 11.95 14.06 -17.98
CA PHE B 185 10.62 14.46 -17.53
C PHE B 185 10.64 15.91 -17.04
N VAL B 186 11.65 16.26 -16.26
CA VAL B 186 11.76 17.62 -15.72
C VAL B 186 11.97 18.62 -16.85
N SER B 187 12.68 18.23 -17.90
CA SER B 187 12.86 19.11 -19.06
C SER B 187 11.53 19.38 -19.76
N ASN B 188 10.76 18.32 -20.02
CA ASN B 188 9.45 18.51 -20.63
C ASN B 188 8.55 19.37 -19.74
N LEU B 189 8.57 19.10 -18.43
CA LEU B 189 7.77 19.88 -17.49
C LEU B 189 8.19 21.35 -17.49
N TYR B 190 9.49 21.61 -17.57
CA TYR B 190 9.98 22.98 -17.59
C TYR B 190 9.57 23.68 -18.88
N ASN B 191 9.56 22.96 -19.99
CA ASN B 191 9.06 23.55 -21.24
C ASN B 191 7.60 23.96 -21.08
N GLN B 192 6.77 23.07 -20.54
CA GLN B 192 5.36 23.41 -20.36
C GLN B 192 5.17 24.52 -19.33
N LEU B 193 6.05 24.62 -18.34
CA LEU B 193 5.96 25.70 -17.36
C LEU B 193 6.35 27.04 -17.97
N ALA B 194 7.43 27.06 -18.75
CA ALA B 194 7.87 28.27 -19.43
C ALA B 194 6.88 28.71 -20.50
N LYS B 195 6.04 27.79 -21.00
CA LYS B 195 4.97 28.20 -21.90
C LYS B 195 4.01 29.19 -21.26
N THR B 196 4.04 29.38 -19.93
CA THR B 196 3.14 30.26 -19.23
C THR B 196 3.77 31.57 -18.78
N LYS B 197 5.09 31.72 -18.95
CA LYS B 197 5.84 32.92 -18.55
C LYS B 197 5.76 33.19 -17.06
N LYS B 198 5.45 32.17 -16.26
CA LYS B 198 5.45 32.38 -14.82
C LYS B 198 6.84 32.13 -14.25
N PRO B 199 7.19 32.80 -13.16
CA PRO B 199 8.51 32.56 -12.54
C PRO B 199 8.68 31.12 -12.09
N ILE B 200 9.88 30.58 -12.29
CA ILE B 200 10.21 29.20 -11.97
C ILE B 200 11.53 29.19 -11.20
N VAL B 201 11.59 28.36 -10.15
CA VAL B 201 12.80 28.17 -9.37
C VAL B 201 13.00 26.67 -9.17
N ILE B 202 14.10 26.14 -9.70
CA ILE B 202 14.42 24.74 -9.52
C ILE B 202 14.87 24.50 -8.09
N VAL B 203 14.34 23.46 -7.46
CA VAL B 203 14.62 23.16 -6.05
C VAL B 203 15.14 21.73 -5.97
N LEU B 204 16.36 21.57 -5.46
CA LEU B 204 16.94 20.26 -5.24
C LEU B 204 16.55 19.75 -3.86
N THR B 205 15.98 18.55 -3.82
CA THR B 205 15.43 17.97 -2.61
C THR B 205 16.27 16.79 -2.14
N LYS B 206 16.03 16.38 -0.89
CA LYS B 206 16.71 15.25 -0.27
C LYS B 206 18.23 15.41 -0.32
N CYS B 207 18.70 16.64 -0.09
CA CYS B 207 20.13 16.91 -0.20
C CYS B 207 20.93 16.27 0.93
N ASP B 208 20.28 15.81 2.00
CA ASP B 208 20.98 15.08 3.04
C ASP B 208 21.51 13.75 2.53
N GLU B 209 20.85 13.17 1.52
CA GLU B 209 21.31 11.94 0.88
C GLU B 209 21.61 12.16 -0.60
N GLY B 210 21.89 13.40 -1.00
CA GLY B 210 22.06 13.71 -2.40
C GLY B 210 23.30 13.09 -3.01
N VAL B 211 23.29 13.02 -4.34
CA VAL B 211 24.40 12.49 -5.13
C VAL B 211 25.03 13.64 -5.88
N GLU B 212 26.37 13.71 -5.85
CA GLU B 212 27.07 14.84 -6.44
C GLU B 212 26.84 14.91 -7.95
N ARG B 213 26.83 13.76 -8.63
CA ARG B 213 26.62 13.76 -10.07
C ARG B 213 25.23 14.23 -10.43
N TYR B 214 24.22 13.79 -9.68
CA TYR B 214 22.85 14.27 -9.91
C TYR B 214 22.74 15.77 -9.67
N ILE B 215 23.37 16.25 -8.60
CA ILE B 215 23.31 17.68 -8.28
C ILE B 215 23.97 18.50 -9.37
N ARG B 216 25.12 18.06 -9.88
CA ARG B 216 25.78 18.84 -10.92
C ARG B 216 25.08 18.71 -12.27
N ASP B 217 24.38 17.61 -12.53
CA ASP B 217 23.54 17.54 -13.72
C ASP B 217 22.38 18.52 -13.64
N ALA B 218 21.77 18.61 -12.46
CA ALA B 218 20.73 19.62 -12.26
C ALA B 218 21.29 21.03 -12.42
N HIS B 219 22.52 21.24 -11.92
CA HIS B 219 23.18 22.53 -12.11
C HIS B 219 23.41 22.83 -13.59
N THR B 220 23.81 21.81 -14.36
CA THR B 220 23.99 21.98 -15.80
C THR B 220 22.68 22.37 -16.46
N PHE B 221 21.60 21.66 -16.13
CA PHE B 221 20.29 21.98 -16.71
C PHE B 221 19.85 23.39 -16.33
N ALA B 222 20.10 23.80 -15.09
CA ALA B 222 19.70 25.14 -14.68
C ALA B 222 20.55 26.23 -15.36
N LEU B 223 21.84 25.95 -15.57
CA LEU B 223 22.71 26.90 -16.25
C LEU B 223 22.34 27.03 -17.71
N SER B 224 21.82 25.96 -18.32
CA SER B 224 21.34 26.03 -19.69
C SER B 224 20.08 26.87 -19.83
N LYS B 225 19.45 27.27 -18.71
CA LYS B 225 18.20 28.01 -18.66
C LYS B 225 18.45 29.44 -18.19
N LYS B 226 17.56 30.32 -18.62
CA LYS B 226 17.62 31.75 -18.31
C LYS B 226 17.54 32.04 -16.81
N VAL B 231 17.88 26.12 -5.47
CA VAL B 231 17.97 26.05 -4.02
C VAL B 231 18.03 24.60 -3.55
N GLU B 232 19.16 24.22 -2.97
CA GLU B 232 19.37 22.86 -2.47
C GLU B 232 18.72 22.73 -1.10
N THR B 233 17.62 21.99 -1.03
CA THR B 233 16.82 21.88 0.17
C THR B 233 16.77 20.43 0.64
N SER B 234 16.32 20.25 1.88
CA SER B 234 16.14 18.91 2.45
C SER B 234 15.10 19.05 3.57
N ALA B 235 13.87 18.64 3.28
CA ALA B 235 12.79 18.78 4.26
C ALA B 235 13.06 17.96 5.52
N ARG B 236 13.73 16.82 5.37
CA ARG B 236 14.06 16.00 6.54
C ARG B 236 14.98 16.75 7.49
N SER B 237 15.92 17.53 6.95
CA SER B 237 16.85 18.30 7.75
C SER B 237 16.41 19.74 7.98
N ASN B 238 15.28 20.15 7.40
CA ASN B 238 14.77 21.52 7.53
C ASN B 238 15.81 22.52 7.06
N VAL B 239 16.17 22.41 5.77
CA VAL B 239 17.26 23.17 5.19
C VAL B 239 16.72 23.88 3.96
N ASN B 240 16.82 25.21 3.96
CA ASN B 240 16.62 26.03 2.76
C ASN B 240 15.20 25.95 2.21
N VAL B 241 14.24 25.44 2.99
CA VAL B 241 12.86 25.36 2.53
C VAL B 241 12.27 26.77 2.40
N ASP B 242 12.19 27.49 3.53
CA ASP B 242 11.77 28.89 3.47
C ASP B 242 12.65 29.70 2.55
N LEU B 243 13.93 29.33 2.42
CA LEU B 243 14.82 30.02 1.50
C LEU B 243 14.36 29.86 0.06
N ALA B 244 14.01 28.62 -0.33
CA ALA B 244 13.54 28.38 -1.69
C ALA B 244 12.22 29.11 -1.95
N PHE B 245 11.27 29.01 -1.02
CA PHE B 245 10.00 29.68 -1.23
C PHE B 245 10.16 31.20 -1.28
N SER B 246 11.06 31.75 -0.46
CA SER B 246 11.29 33.19 -0.47
C SER B 246 12.01 33.63 -1.74
N THR B 247 12.90 32.79 -2.28
CA THR B 247 13.51 33.11 -3.57
C THR B 247 12.46 33.14 -4.67
N LEU B 248 11.54 32.17 -4.66
CA LEU B 248 10.44 32.19 -5.62
C LEU B 248 9.62 33.47 -5.49
N VAL B 249 9.28 33.84 -4.25
CA VAL B 249 8.52 35.07 -4.03
C VAL B 249 9.31 36.28 -4.50
N GLN B 250 10.62 36.25 -4.33
CA GLN B 250 11.46 37.39 -4.69
C GLN B 250 11.50 37.59 -6.20
N LEU B 251 11.72 36.52 -6.95
CA LEU B 251 11.76 36.64 -8.42
C LEU B 251 10.37 36.81 -9.02
N ILE B 252 9.31 36.69 -8.24
CA ILE B 252 7.96 36.90 -8.74
C ILE B 252 7.69 38.38 -8.96
#